data_4U7N
#
_entry.id   4U7N
#
_cell.length_a   91.599
_cell.length_b   91.599
_cell.length_c   97.901
_cell.angle_alpha   90.00
_cell.angle_beta   90.00
_cell.angle_gamma   120.00
#
_symmetry.space_group_name_H-M   'P 31'
#
_entity_poly.entity_id   1
_entity_poly.type   'polypeptide(L)'
_entity_poly.pdbx_seq_one_letter_code
;MGSSHHHHHHSSGLVPRGSAEFHDVTEQQKIDNDRKQFVSNVSHELRTPLTSLRSYIEALSDGAWKDPEVAPGFLKVTQE
ETDRMIRMINELLSLSRMDSGTTRVDMELVNINEMFNYVLDRFDMILKKDDNPAKYYTIKREFTKRDLWVEIDTDKFTQV
LDNIMNNAIKYSPDGGVVTCRLLETHNQVIISISDQGLGIPRADLGHVFDRFFRVDKARSRAQGGTGLGLAISKEVVQML
GGRIWVDSVEGKGSTFYISLPYEPYEEEDLWDDDSQA
;
_entity_poly.pdbx_strand_id   A,B
#
# COMPACT_ATOMS: atom_id res chain seq x y z
N VAL A 39 -12.35 -3.90 2.31
CA VAL A 39 -10.90 -3.91 2.50
C VAL A 39 -10.20 -4.15 1.16
N SER A 40 -10.87 -4.90 0.29
CA SER A 40 -10.39 -5.14 -1.07
C SER A 40 -10.24 -3.85 -1.88
N ASN A 41 -11.04 -2.86 -1.50
CA ASN A 41 -11.02 -1.55 -2.10
C ASN A 41 -9.68 -0.88 -1.93
N VAL A 42 -9.19 -0.87 -0.68
CA VAL A 42 -7.94 -0.20 -0.38
C VAL A 42 -6.86 -0.83 -1.22
N SER A 43 -6.77 -2.16 -1.19
CA SER A 43 -5.70 -2.87 -1.89
C SER A 43 -5.83 -2.73 -3.41
N HIS A 44 -7.01 -2.31 -3.87
CA HIS A 44 -7.21 -2.11 -5.31
C HIS A 44 -6.78 -0.70 -5.71
N GLU A 45 -7.02 0.25 -4.79
CA GLU A 45 -6.62 1.65 -4.94
C GLU A 45 -5.13 1.83 -4.72
N LEU A 46 -4.51 0.81 -4.13
CA LEU A 46 -3.07 0.76 -4.06
C LEU A 46 -2.52 0.02 -5.27
N ARG A 47 -3.21 -1.04 -5.67
CA ARG A 47 -2.83 -1.83 -6.84
C ARG A 47 -2.72 -0.98 -8.11
N THR A 48 -3.71 -0.13 -8.36
CA THR A 48 -3.71 0.66 -9.60
C THR A 48 -2.42 1.49 -9.85
N PRO A 49 -2.08 2.45 -8.96
CA PRO A 49 -0.92 3.26 -9.32
C PRO A 49 0.37 2.44 -9.36
N LEU A 50 0.38 1.33 -8.63
CA LEU A 50 1.53 0.43 -8.60
C LEU A 50 1.77 -0.14 -9.97
N THR A 51 0.70 -0.64 -10.59
CA THR A 51 0.81 -1.31 -11.88
C THR A 51 1.08 -0.26 -12.94
N SER A 52 0.59 0.93 -12.67
CA SER A 52 0.91 2.07 -13.49
C SER A 52 2.42 2.26 -13.53
N LEU A 53 2.99 2.44 -12.34
CA LEU A 53 4.42 2.49 -12.09
C LEU A 53 5.15 1.37 -12.76
N ARG A 54 4.61 0.18 -12.66
CA ARG A 54 5.23 -0.97 -13.28
C ARG A 54 5.35 -0.77 -14.77
N SER A 55 4.29 -0.26 -15.39
CA SER A 55 4.31 -0.03 -16.82
C SER A 55 5.38 0.98 -17.21
N TYR A 56 5.38 2.13 -16.55
CA TYR A 56 6.33 3.18 -16.91
C TYR A 56 7.78 2.75 -16.66
N ILE A 57 7.98 2.11 -15.53
CA ILE A 57 9.30 1.67 -15.13
C ILE A 57 9.78 0.68 -16.14
N GLU A 58 8.94 -0.31 -16.45
CA GLU A 58 9.26 -1.32 -17.46
C GLU A 58 9.59 -0.69 -18.79
N ALA A 59 8.85 0.36 -19.12
CA ALA A 59 9.06 1.05 -20.37
C ALA A 59 10.47 1.58 -20.41
N LEU A 60 10.85 2.34 -19.37
CA LEU A 60 12.22 2.88 -19.25
C LEU A 60 13.30 1.79 -19.28
N SER A 61 13.15 0.79 -18.42
CA SER A 61 14.11 -0.27 -18.31
C SER A 61 14.38 -0.92 -19.67
N ASP A 62 13.34 -1.14 -20.47
CA ASP A 62 13.55 -1.81 -21.75
C ASP A 62 14.33 -0.92 -22.72
N GLY A 63 14.51 0.36 -22.39
CA GLY A 63 15.29 1.23 -23.23
C GLY A 63 14.87 2.70 -23.22
N ALA A 64 13.69 3.00 -22.68
CA ALA A 64 13.14 4.34 -22.84
C ALA A 64 14.06 5.35 -22.22
N TRP A 65 14.75 4.95 -21.15
CA TRP A 65 15.70 5.84 -20.49
C TRP A 65 16.78 6.36 -21.47
N LYS A 66 17.08 5.57 -22.49
CA LYS A 66 18.10 5.97 -23.45
C LYS A 66 17.56 7.08 -24.37
N ASP A 67 16.22 7.16 -24.51
CA ASP A 67 15.58 8.13 -25.41
C ASP A 67 15.07 9.37 -24.69
N PRO A 68 15.64 10.54 -25.04
CA PRO A 68 15.39 11.82 -24.38
C PRO A 68 14.00 12.41 -24.67
N GLU A 69 13.27 11.81 -25.59
CA GLU A 69 11.98 12.38 -25.94
C GLU A 69 10.90 11.92 -24.98
N VAL A 70 11.12 10.79 -24.32
CA VAL A 70 10.09 10.23 -23.48
C VAL A 70 10.55 10.06 -22.04
N ALA A 71 11.86 9.94 -21.85
CA ALA A 71 12.36 9.53 -20.54
C ALA A 71 12.08 10.54 -19.42
N PRO A 72 12.38 11.82 -19.65
CA PRO A 72 12.00 12.74 -18.58
C PRO A 72 10.53 12.64 -18.21
N GLY A 73 9.67 12.50 -19.24
CA GLY A 73 8.23 12.51 -19.08
C GLY A 73 7.72 11.31 -18.32
N PHE A 74 8.14 10.12 -18.77
CA PHE A 74 7.84 8.88 -18.09
C PHE A 74 8.30 9.00 -16.62
N LEU A 75 9.47 9.59 -16.40
CA LEU A 75 9.98 9.67 -15.04
C LEU A 75 9.09 10.57 -14.20
N LYS A 76 8.54 11.61 -14.84
CA LYS A 76 7.65 12.53 -14.13
C LYS A 76 6.40 11.78 -13.70
N VAL A 77 5.89 10.94 -14.59
CA VAL A 77 4.76 10.13 -14.23
C VAL A 77 5.08 9.25 -13.03
N THR A 78 6.26 8.61 -13.05
CA THR A 78 6.67 7.69 -11.97
C THR A 78 6.75 8.44 -10.66
N GLN A 79 7.36 9.60 -10.72
CA GLN A 79 7.42 10.53 -9.61
C GLN A 79 6.07 10.79 -8.98
N GLU A 80 5.15 11.24 -9.84
CA GLU A 80 3.83 11.63 -9.38
C GLU A 80 3.10 10.45 -8.76
N GLU A 81 3.15 9.30 -9.43
CA GLU A 81 2.44 8.15 -8.93
C GLU A 81 2.99 7.78 -7.57
N THR A 82 4.30 7.89 -7.41
CA THR A 82 4.93 7.47 -6.17
C THR A 82 4.54 8.37 -5.01
N ASP A 83 4.66 9.68 -5.23
CA ASP A 83 4.27 10.63 -4.20
C ASP A 83 2.82 10.37 -3.79
N ARG A 84 2.00 10.13 -4.80
CA ARG A 84 0.58 9.86 -4.59
C ARG A 84 0.35 8.70 -3.65
N MET A 85 1.09 7.63 -3.89
CA MET A 85 0.93 6.44 -3.09
C MET A 85 1.38 6.70 -1.66
N ILE A 86 2.44 7.48 -1.51
CA ILE A 86 2.91 7.83 -0.18
C ILE A 86 1.83 8.60 0.59
N ARG A 87 1.20 9.56 -0.08
CA ARG A 87 0.10 10.30 0.55
C ARG A 87 -1.03 9.38 0.99
N MET A 88 -1.58 8.61 0.06
CA MET A 88 -2.60 7.57 0.33
C MET A 88 -2.26 6.72 1.56
N ILE A 89 -1.01 6.24 1.61
CA ILE A 89 -0.47 5.52 2.78
C ILE A 89 -0.64 6.35 4.05
N ASN A 90 -0.25 7.62 3.98
CA ASN A 90 -0.25 8.49 5.15
C ASN A 90 -1.64 8.76 5.67
N GLU A 91 -2.56 8.92 4.75
CA GLU A 91 -3.95 9.15 5.09
C GLU A 91 -4.53 7.93 5.74
N LEU A 92 -4.31 6.78 5.11
CA LEU A 92 -4.68 5.50 5.69
C LEU A 92 -4.22 5.41 7.12
N LEU A 93 -2.97 5.82 7.31
CA LEU A 93 -2.30 5.71 8.60
C LEU A 93 -2.90 6.68 9.61
N SER A 94 -3.27 7.87 9.16
CA SER A 94 -3.81 8.88 10.04
C SER A 94 -5.19 8.48 10.51
N LEU A 95 -5.90 7.72 9.67
CA LEU A 95 -7.18 7.19 10.10
C LEU A 95 -6.96 5.92 10.90
N SER A 96 -5.76 5.36 10.84
CA SER A 96 -5.43 4.21 11.68
C SER A 96 -5.14 4.67 13.10
N ARG A 97 -4.49 5.83 13.24
CA ARG A 97 -4.21 6.41 14.54
C ARG A 97 -5.43 7.16 15.10
N MET A 98 -6.25 7.76 14.22
CA MET A 98 -7.43 8.51 14.66
C MET A 98 -8.57 7.57 15.04
N ASP A 99 -8.77 6.50 14.27
CA ASP A 99 -9.86 5.56 14.55
C ASP A 99 -9.61 4.95 15.92
N SER A 100 -8.36 4.59 16.19
CA SER A 100 -7.98 3.98 17.44
C SER A 100 -7.64 5.05 18.47
N GLY A 101 -7.88 6.31 18.08
CA GLY A 101 -7.60 7.49 18.89
C GLY A 101 -6.24 7.49 19.56
N THR A 102 -5.21 7.21 18.77
CA THR A 102 -3.85 7.14 19.28
C THR A 102 -3.06 8.27 18.62
N THR A 103 -3.70 9.42 18.53
CA THR A 103 -3.14 10.55 17.81
C THR A 103 -3.14 11.79 18.69
N ARG A 104 -1.97 12.12 19.19
CA ARG A 104 -1.82 13.33 19.97
C ARG A 104 -1.93 14.54 19.04
N VAL A 105 -2.98 15.32 19.22
CA VAL A 105 -3.25 16.48 18.36
C VAL A 105 -2.69 17.76 18.98
N ASP A 106 -1.61 18.26 18.40
CA ASP A 106 -0.88 19.41 18.92
C ASP A 106 -1.68 20.71 18.76
N MET A 107 -2.36 21.12 19.85
CA MET A 107 -3.30 22.23 19.82
C MET A 107 -2.71 23.56 20.29
N GLU A 108 -2.81 24.58 19.45
CA GLU A 108 -2.33 25.92 19.77
C GLU A 108 -3.45 26.95 19.60
N LEU A 109 -3.31 28.12 20.22
CA LEU A 109 -4.27 29.21 20.02
C LEU A 109 -3.84 30.07 18.83
N VAL A 110 -4.32 29.72 17.64
CA VAL A 110 -3.86 30.33 16.39
C VAL A 110 -4.82 31.39 15.85
N ASN A 111 -4.26 32.32 15.07
CA ASN A 111 -5.04 33.31 14.34
C ASN A 111 -5.49 32.75 12.99
N ILE A 112 -6.78 32.48 12.84
CA ILE A 112 -7.23 31.79 11.64
C ILE A 112 -7.24 32.73 10.43
N ASN A 113 -7.29 34.04 10.70
CA ASN A 113 -7.20 35.03 9.64
C ASN A 113 -5.88 34.85 8.89
N GLU A 114 -4.77 35.08 9.62
CA GLU A 114 -3.43 34.86 9.07
C GLU A 114 -3.29 33.45 8.50
N MET A 115 -3.71 32.45 9.26
CA MET A 115 -3.60 31.04 8.89
C MET A 115 -4.18 30.75 7.50
N PHE A 116 -5.45 31.13 7.35
CA PHE A 116 -6.18 30.93 6.11
C PHE A 116 -5.47 31.72 5.00
N ASN A 117 -4.94 32.88 5.37
CA ASN A 117 -4.19 33.68 4.40
C ASN A 117 -2.92 32.99 3.90
N TYR A 118 -2.21 32.33 4.81
CA TYR A 118 -1.04 31.53 4.49
C TYR A 118 -1.40 30.44 3.49
N VAL A 119 -2.37 29.61 3.86
CA VAL A 119 -2.81 28.51 3.00
C VAL A 119 -3.20 28.99 1.60
N LEU A 120 -4.05 30.02 1.58
CA LEU A 120 -4.52 30.60 0.34
C LEU A 120 -3.39 31.25 -0.46
N ASP A 121 -2.36 31.73 0.24
CA ASP A 121 -1.18 32.27 -0.43
C ASP A 121 -0.50 31.15 -1.20
N ARG A 122 -0.26 30.04 -0.53
CA ARG A 122 0.37 28.88 -1.16
C ARG A 122 -0.42 28.44 -2.38
N PHE A 123 -1.74 28.40 -2.24
CA PHE A 123 -2.59 27.99 -3.36
C PHE A 123 -2.56 29.01 -4.50
N ASP A 124 -2.42 30.29 -4.16
CA ASP A 124 -2.33 31.34 -5.17
C ASP A 124 -1.02 31.19 -5.95
N MET A 125 0.02 30.74 -5.25
CA MET A 125 1.32 30.50 -5.88
C MET A 125 1.22 29.29 -6.83
N ILE A 126 0.52 28.24 -6.37
CA ILE A 126 0.33 27.05 -7.19
C ILE A 126 -0.47 27.36 -8.45
N LEU A 127 -1.50 28.21 -8.30
CA LEU A 127 -2.39 28.51 -9.41
C LEU A 127 -1.75 29.51 -10.39
N LYS A 128 -0.88 30.38 -9.89
CA LYS A 128 -0.26 31.40 -10.73
C LYS A 128 0.94 30.86 -11.49
N LYS A 129 1.49 29.74 -11.01
CA LYS A 129 2.63 29.10 -11.67
C LYS A 129 2.16 27.88 -12.46
N ASP A 130 0.99 28.01 -13.10
CA ASP A 130 0.40 26.90 -13.84
C ASP A 130 0.52 27.10 -15.34
N ASP A 131 0.40 26.02 -16.10
CA ASP A 131 0.50 26.07 -17.55
C ASP A 131 -0.85 26.02 -18.24
N ASN A 132 -1.93 26.13 -17.47
CA ASN A 132 -3.27 26.12 -18.02
C ASN A 132 -3.86 27.53 -18.15
N TYR A 136 -6.44 30.53 -14.60
CA TYR A 136 -7.64 29.74 -14.80
C TYR A 136 -8.41 29.54 -13.50
N TYR A 137 -7.77 29.88 -12.38
CA TYR A 137 -8.42 29.83 -11.09
C TYR A 137 -8.20 31.12 -10.31
N THR A 138 -9.24 31.55 -9.61
CA THR A 138 -9.16 32.75 -8.79
C THR A 138 -9.50 32.43 -7.33
N ILE A 139 -8.89 33.17 -6.42
CA ILE A 139 -9.18 33.00 -5.00
C ILE A 139 -9.96 34.21 -4.52
N LYS A 140 -11.24 34.02 -4.21
CA LYS A 140 -12.00 35.16 -3.73
C LYS A 140 -12.04 35.16 -2.21
N ARG A 141 -11.21 35.99 -1.60
CA ARG A 141 -11.10 36.02 -0.15
C ARG A 141 -12.10 37.00 0.45
N GLU A 142 -12.94 36.51 1.35
CA GLU A 142 -13.77 37.41 2.15
C GLU A 142 -13.59 37.08 3.61
N PHE A 143 -12.60 37.71 4.23
CA PHE A 143 -12.30 37.47 5.63
C PHE A 143 -12.80 38.61 6.47
N THR A 144 -13.59 38.31 7.48
CA THR A 144 -14.04 39.29 8.45
C THR A 144 -12.88 40.14 8.94
N LYS A 145 -13.17 41.37 9.33
CA LYS A 145 -12.12 42.31 9.70
C LYS A 145 -11.75 42.25 11.19
N ARG A 146 -12.38 41.37 11.95
CA ARG A 146 -11.92 41.12 13.30
C ARG A 146 -11.03 39.87 13.32
N ASP A 147 -9.81 40.02 13.84
CA ASP A 147 -8.87 38.93 13.95
C ASP A 147 -9.37 37.88 14.94
N LEU A 148 -9.59 36.66 14.43
CA LEU A 148 -10.12 35.60 15.27
C LEU A 148 -9.03 34.64 15.72
N TRP A 149 -9.15 34.16 16.95
CA TRP A 149 -8.19 33.18 17.44
C TRP A 149 -8.94 31.95 17.93
N VAL A 150 -8.48 30.78 17.53
CA VAL A 150 -9.14 29.53 17.88
C VAL A 150 -8.11 28.51 18.34
N GLU A 151 -8.55 27.58 19.18
CA GLU A 151 -7.75 26.44 19.56
C GLU A 151 -7.76 25.42 18.42
N ILE A 152 -6.67 25.37 17.64
CA ILE A 152 -6.56 24.41 16.55
C ILE A 152 -5.14 23.86 16.46
N ASP A 153 -5.01 22.66 15.89
CA ASP A 153 -3.72 22.12 15.45
C ASP A 153 -3.39 22.75 14.11
N THR A 154 -2.40 23.65 14.09
CA THR A 154 -2.07 24.40 12.87
C THR A 154 -1.82 23.50 11.68
N ASP A 155 -1.01 22.47 11.88
CA ASP A 155 -0.66 21.57 10.80
C ASP A 155 -1.83 20.70 10.33
N LYS A 156 -2.54 20.07 11.25
CA LYS A 156 -3.65 19.20 10.85
C LYS A 156 -4.84 19.99 10.25
N PHE A 157 -5.07 21.20 10.76
CA PHE A 157 -6.07 22.10 10.19
C PHE A 157 -5.62 22.63 8.84
N THR A 158 -4.30 22.77 8.68
CA THR A 158 -3.74 23.18 7.40
C THR A 158 -3.99 22.09 6.38
N GLN A 159 -3.83 20.83 6.79
CA GLN A 159 -4.16 19.73 5.91
C GLN A 159 -5.65 19.68 5.61
N VAL A 160 -6.46 20.14 6.57
CA VAL A 160 -7.90 20.28 6.29
C VAL A 160 -8.15 21.25 5.15
N LEU A 161 -7.80 22.51 5.40
CA LEU A 161 -7.98 23.57 4.42
C LEU A 161 -7.42 23.18 3.08
N ASP A 162 -6.27 22.54 3.09
CA ASP A 162 -5.67 22.05 1.86
C ASP A 162 -6.59 21.06 1.17
N ASN A 163 -6.98 20.00 1.88
CA ASN A 163 -7.79 18.96 1.26
C ASN A 163 -9.06 19.51 0.62
N ILE A 164 -9.68 20.47 1.31
CA ILE A 164 -10.93 21.05 0.85
C ILE A 164 -10.75 22.00 -0.34
N MET A 165 -9.73 22.85 -0.27
CA MET A 165 -9.36 23.68 -1.41
C MET A 165 -9.10 22.82 -2.64
N ASN A 166 -8.39 21.73 -2.41
CA ASN A 166 -8.13 20.73 -3.44
C ASN A 166 -9.40 20.22 -4.07
N ASN A 167 -10.30 19.72 -3.23
CA ASN A 167 -11.56 19.19 -3.75
C ASN A 167 -12.32 20.26 -4.51
N ALA A 168 -12.11 21.53 -4.15
CA ALA A 168 -12.70 22.62 -4.90
C ALA A 168 -12.08 22.74 -6.30
N ILE A 169 -10.78 22.99 -6.36
CA ILE A 169 -10.06 23.18 -7.63
C ILE A 169 -10.20 21.99 -8.58
N LYS A 170 -10.34 20.79 -8.03
CA LYS A 170 -10.45 19.60 -8.86
C LYS A 170 -11.88 19.42 -9.35
N TYR A 171 -12.83 19.89 -8.55
CA TYR A 171 -14.23 19.80 -8.95
C TYR A 171 -14.76 21.05 -9.64
N SER A 172 -13.87 21.80 -10.29
CA SER A 172 -14.28 22.98 -11.03
C SER A 172 -13.81 22.89 -12.47
N PRO A 173 -14.51 22.09 -13.29
CA PRO A 173 -14.08 21.72 -14.65
C PRO A 173 -14.10 22.88 -15.63
N ASP A 174 -15.02 23.82 -15.43
CA ASP A 174 -15.10 24.99 -16.30
C ASP A 174 -14.17 26.06 -15.74
N GLY A 175 -13.57 25.75 -14.59
CA GLY A 175 -12.71 26.71 -13.92
C GLY A 175 -13.48 27.88 -13.35
N GLY A 176 -12.76 28.97 -13.09
CA GLY A 176 -13.36 30.19 -12.58
C GLY A 176 -12.85 30.60 -11.21
N VAL A 177 -13.79 30.81 -10.31
CA VAL A 177 -13.46 31.30 -8.97
C VAL A 177 -13.76 30.25 -7.90
N VAL A 178 -12.82 30.11 -6.97
CA VAL A 178 -13.04 29.37 -5.73
C VAL A 178 -13.20 30.41 -4.63
N THR A 179 -14.29 30.30 -3.88
CA THR A 179 -14.65 31.34 -2.94
C THR A 179 -14.36 30.93 -1.50
N CYS A 180 -13.61 31.77 -0.81
CA CYS A 180 -13.18 31.47 0.53
C CYS A 180 -13.60 32.54 1.52
N ARG A 181 -14.52 32.17 2.40
CA ARG A 181 -15.06 33.10 3.38
C ARG A 181 -14.60 32.72 4.80
N LEU A 182 -14.43 33.74 5.63
CA LEU A 182 -14.13 33.53 7.03
C LEU A 182 -14.82 34.63 7.83
N LEU A 183 -15.77 34.24 8.70
CA LEU A 183 -16.59 35.19 9.49
C LEU A 183 -17.20 34.51 10.75
N GLU A 184 -17.49 35.28 11.82
CA GLU A 184 -18.08 34.68 13.05
C GLU A 184 -19.60 34.83 13.19
N THR A 185 -20.21 33.88 13.93
CA THR A 185 -21.62 33.85 14.31
C THR A 185 -21.91 33.02 15.55
N HIS A 186 -22.45 33.58 16.62
CA HIS A 186 -22.86 32.81 17.83
C HIS A 186 -21.73 32.40 18.76
N ASN A 187 -20.51 32.77 18.38
CA ASN A 187 -19.27 32.10 18.79
C ASN A 187 -19.08 30.79 18.00
N GLN A 188 -19.42 30.86 16.72
CA GLN A 188 -18.83 30.00 15.68
C GLN A 188 -17.85 30.81 14.82
N VAL A 189 -16.65 30.29 14.60
CA VAL A 189 -15.85 30.80 13.49
C VAL A 189 -16.18 29.92 12.28
N ILE A 190 -16.65 30.59 11.24
CA ILE A 190 -17.13 29.92 10.06
C ILE A 190 -16.16 30.13 8.92
N ILE A 191 -15.63 29.02 8.42
CA ILE A 191 -14.90 29.03 7.16
C ILE A 191 -15.77 28.36 6.11
N SER A 192 -15.88 28.96 4.93
CA SER A 192 -16.63 28.29 3.87
C SER A 192 -15.83 28.35 2.60
N ILE A 193 -15.79 27.23 1.89
CA ILE A 193 -15.03 27.16 0.65
C ILE A 193 -15.91 26.57 -0.44
N SER A 194 -16.08 27.33 -1.52
CA SER A 194 -17.07 27.07 -2.56
C SER A 194 -16.53 27.02 -4.00
N ASP A 195 -17.08 26.12 -4.80
CA ASP A 195 -16.73 25.96 -6.21
C ASP A 195 -17.99 26.03 -7.05
N GLN A 196 -17.91 26.67 -8.22
CA GLN A 196 -19.08 26.76 -9.10
C GLN A 196 -18.97 25.70 -10.19
N GLY A 197 -18.35 24.57 -9.85
CA GLY A 197 -18.18 23.48 -10.78
C GLY A 197 -19.30 22.46 -10.65
N LEU A 198 -19.03 21.24 -11.08
CA LEU A 198 -19.99 20.14 -11.00
C LEU A 198 -20.69 20.10 -9.64
N GLY A 199 -22.00 19.92 -9.67
CA GLY A 199 -22.77 19.84 -8.44
C GLY A 199 -22.47 18.58 -7.66
N ILE A 200 -23.28 18.31 -6.64
CA ILE A 200 -23.14 17.07 -5.87
C ILE A 200 -24.52 16.53 -5.55
N PRO A 201 -24.82 15.30 -6.00
CA PRO A 201 -26.16 14.70 -5.90
C PRO A 201 -26.73 14.72 -4.49
N ARG A 202 -27.94 15.24 -4.33
CA ARG A 202 -28.55 15.32 -3.01
C ARG A 202 -29.02 13.94 -2.56
N ALA A 203 -29.04 12.98 -3.48
CA ALA A 203 -29.40 11.61 -3.12
C ALA A 203 -28.28 10.94 -2.32
N ASP A 204 -27.04 11.34 -2.57
CA ASP A 204 -25.87 10.75 -1.90
C ASP A 204 -25.03 11.82 -1.19
N LEU A 205 -25.65 12.96 -0.92
CA LEU A 205 -24.95 14.14 -0.41
C LEU A 205 -24.30 13.96 0.97
N GLY A 206 -24.78 12.99 1.75
CA GLY A 206 -24.28 12.79 3.10
C GLY A 206 -23.02 11.93 3.19
N HIS A 207 -22.84 11.07 2.20
CA HIS A 207 -21.78 10.07 2.26
C HIS A 207 -20.45 10.53 1.66
N VAL A 208 -20.31 11.84 1.42
CA VAL A 208 -19.04 12.34 0.88
C VAL A 208 -17.93 12.16 1.92
N PHE A 209 -18.34 12.07 3.18
CA PHE A 209 -17.42 11.95 4.31
C PHE A 209 -17.22 10.52 4.80
N ASP A 210 -18.00 9.58 4.28
CA ASP A 210 -17.74 8.17 4.56
C ASP A 210 -16.54 7.67 3.78
N ARG A 211 -15.88 6.65 4.32
CA ARG A 211 -14.56 6.24 3.84
C ARG A 211 -14.53 5.91 2.36
N PHE A 212 -13.59 6.55 1.67
CA PHE A 212 -13.35 6.40 0.24
C PHE A 212 -14.58 6.70 -0.60
N PHE A 213 -15.13 7.90 -0.41
CA PHE A 213 -16.08 8.44 -1.36
C PHE A 213 -15.36 9.45 -2.25
N ARG A 214 -15.56 9.35 -3.56
CA ARG A 214 -14.92 10.27 -4.49
C ARG A 214 -15.80 11.48 -4.76
N THR A 226 -6.28 10.46 -4.46
CA THR A 226 -6.10 9.48 -3.40
C THR A 226 -7.44 9.09 -2.76
N GLY A 227 -8.24 10.09 -2.43
CA GLY A 227 -9.61 9.87 -1.97
C GLY A 227 -9.92 9.68 -0.49
N LEU A 228 -9.14 10.33 0.38
CA LEU A 228 -9.36 10.25 1.82
C LEU A 228 -9.31 11.62 2.48
N GLY A 229 -8.98 12.64 1.71
CA GLY A 229 -8.85 13.99 2.24
C GLY A 229 -10.06 14.47 3.01
N LEU A 230 -11.24 14.07 2.56
CA LEU A 230 -12.47 14.43 3.26
C LEU A 230 -12.55 13.71 4.59
N ALA A 231 -12.25 12.42 4.60
CA ALA A 231 -12.26 11.67 5.85
C ALA A 231 -11.30 12.29 6.84
N ILE A 232 -10.13 12.68 6.33
CA ILE A 232 -9.12 13.36 7.14
C ILE A 232 -9.74 14.58 7.77
N SER A 233 -10.13 15.54 6.93
CA SER A 233 -10.59 16.83 7.40
C SER A 233 -11.74 16.69 8.39
N LYS A 234 -12.68 15.82 8.07
CA LYS A 234 -13.82 15.58 8.95
C LYS A 234 -13.33 15.17 10.32
N GLU A 235 -12.53 14.11 10.34
CA GLU A 235 -12.04 13.56 11.59
C GLU A 235 -11.27 14.62 12.39
N VAL A 236 -10.39 15.35 11.71
CA VAL A 236 -9.54 16.37 12.31
C VAL A 236 -10.38 17.47 12.95
N VAL A 237 -11.33 18.00 12.18
CA VAL A 237 -12.19 19.06 12.66
C VAL A 237 -13.02 18.62 13.85
N GLN A 238 -13.59 17.42 13.75
CA GLN A 238 -14.30 16.82 14.87
C GLN A 238 -13.38 16.79 16.09
N MET A 239 -12.12 16.46 15.84
CA MET A 239 -11.12 16.35 16.89
C MET A 239 -10.71 17.74 17.38
N LEU A 240 -10.66 18.71 16.48
CA LEU A 240 -10.39 20.08 16.89
C LEU A 240 -11.62 20.63 17.60
N GLY A 241 -12.66 19.81 17.71
CA GLY A 241 -13.84 20.17 18.47
C GLY A 241 -14.80 21.05 17.71
N GLY A 242 -14.67 21.05 16.39
CA GLY A 242 -15.55 21.80 15.54
C GLY A 242 -16.54 20.90 14.82
N ARG A 243 -17.16 21.43 13.75
CA ARG A 243 -18.08 20.66 12.90
C ARG A 243 -17.77 20.94 11.44
N ILE A 244 -17.95 19.92 10.60
CA ILE A 244 -17.73 20.06 9.17
C ILE A 244 -18.91 19.51 8.34
N TRP A 245 -19.35 20.22 7.29
CA TRP A 245 -20.42 19.66 6.46
C TRP A 245 -20.47 20.23 5.05
N VAL A 246 -21.36 19.70 4.21
CA VAL A 246 -21.40 20.15 2.82
C VAL A 246 -22.81 20.54 2.35
N ASP A 247 -22.87 21.51 1.46
CA ASP A 247 -24.14 21.94 0.88
C ASP A 247 -23.87 22.13 -0.59
N SER A 248 -24.62 21.47 -1.45
CA SER A 248 -24.39 21.61 -2.89
C SER A 248 -25.66 21.45 -3.71
N VAL A 249 -25.70 22.15 -4.84
CA VAL A 249 -26.82 22.02 -5.78
C VAL A 249 -26.32 21.82 -7.20
N GLU A 250 -26.55 20.62 -7.72
CA GLU A 250 -26.16 20.30 -9.08
C GLU A 250 -27.08 20.99 -10.07
N GLY A 251 -26.47 21.77 -10.96
CA GLY A 251 -25.03 21.94 -10.97
C GLY A 251 -24.65 23.38 -10.72
N LYS A 252 -25.33 24.01 -9.78
CA LYS A 252 -24.99 25.38 -9.39
C LYS A 252 -23.59 25.38 -8.81
N GLY A 253 -23.39 24.53 -7.81
CA GLY A 253 -22.05 24.38 -7.25
C GLY A 253 -22.00 23.62 -5.94
N SER A 254 -20.82 23.63 -5.33
CA SER A 254 -20.60 22.95 -4.07
C SER A 254 -19.99 23.90 -3.03
N THR A 255 -20.36 23.73 -1.77
CA THR A 255 -19.80 24.53 -0.67
C THR A 255 -19.60 23.75 0.62
N PHE A 256 -18.33 23.64 1.01
CA PHE A 256 -17.93 23.00 2.25
C PHE A 256 -17.87 24.03 3.37
N TYR A 257 -18.54 23.70 4.47
CA TYR A 257 -18.53 24.50 5.67
C TYR A 257 -17.68 23.87 6.80
N ILE A 258 -16.97 24.75 7.50
CA ILE A 258 -16.28 24.44 8.73
C ILE A 258 -16.72 25.42 9.82
N SER A 259 -16.97 24.88 11.02
CA SER A 259 -17.35 25.67 12.17
C SER A 259 -16.46 25.33 13.34
N LEU A 260 -16.03 26.35 14.07
CA LEU A 260 -15.17 26.17 15.22
C LEU A 260 -15.72 26.91 16.43
N PRO A 261 -15.55 26.33 17.63
CA PRO A 261 -15.89 27.10 18.82
C PRO A 261 -15.08 28.37 18.84
N TYR A 262 -15.72 29.52 18.94
CA TYR A 262 -15.03 30.81 18.85
C TYR A 262 -14.41 31.23 20.19
N GLU A 263 -15.18 31.14 21.26
CA GLU A 263 -14.63 31.37 22.60
C GLU A 263 -15.30 30.47 23.65
N VAL B 39 -2.67 -0.60 10.49
CA VAL B 39 -1.75 -0.62 11.63
C VAL B 39 -0.53 0.26 11.32
N SER B 40 0.14 0.74 12.37
CA SER B 40 1.38 1.49 12.21
C SER B 40 2.36 0.58 11.51
N ASN B 41 2.17 -0.73 11.73
CA ASN B 41 2.99 -1.78 11.13
C ASN B 41 2.89 -1.93 9.61
N VAL B 42 1.69 -2.23 9.13
CA VAL B 42 1.50 -2.53 7.72
C VAL B 42 1.78 -1.30 6.84
N SER B 43 1.18 -0.16 7.17
CA SER B 43 1.29 1.03 6.33
C SER B 43 2.70 1.60 6.31
N HIS B 44 3.51 1.23 7.30
CA HIS B 44 4.89 1.69 7.41
C HIS B 44 5.80 0.74 6.64
N GLU B 45 5.40 -0.53 6.65
CA GLU B 45 6.08 -1.59 5.90
C GLU B 45 5.76 -1.47 4.41
N LEU B 46 4.72 -0.69 4.10
CA LEU B 46 4.46 -0.29 2.72
C LEU B 46 5.15 1.02 2.42
N ARG B 47 5.18 1.89 3.42
CA ARG B 47 5.87 3.18 3.32
C ARG B 47 7.35 3.04 2.96
N THR B 48 8.05 2.09 3.58
CA THR B 48 9.48 1.94 3.32
C THR B 48 9.86 1.79 1.81
N PRO B 49 9.39 0.73 1.13
CA PRO B 49 9.84 0.61 -0.26
C PRO B 49 9.37 1.79 -1.14
N LEU B 50 8.27 2.44 -0.73
CA LEU B 50 7.73 3.59 -1.42
C LEU B 50 8.73 4.73 -1.41
N THR B 51 9.26 5.01 -0.23
CA THR B 51 10.16 6.14 -0.03
C THR B 51 11.50 5.81 -0.66
N SER B 52 11.82 4.54 -0.63
CA SER B 52 12.97 4.04 -1.34
C SER B 52 12.90 4.40 -2.82
N LEU B 53 11.83 3.90 -3.43
CA LEU B 53 11.42 4.20 -4.79
C LEU B 53 11.46 5.70 -5.07
N ARG B 54 10.98 6.48 -4.11
CA ARG B 54 11.00 7.91 -4.25
C ARG B 54 12.42 8.43 -4.42
N SER B 55 13.34 7.86 -3.65
CA SER B 55 14.74 8.27 -3.73
C SER B 55 15.33 7.97 -5.09
N TYR B 56 15.20 6.73 -5.53
CA TYR B 56 15.80 6.34 -6.80
C TYR B 56 15.20 7.16 -7.96
N ILE B 57 13.89 7.33 -7.89
CA ILE B 57 13.21 8.01 -8.95
C ILE B 57 13.73 9.43 -9.00
N GLU B 58 13.77 10.06 -7.84
CA GLU B 58 14.27 11.44 -7.71
C GLU B 58 15.68 11.58 -8.26
N ALA B 59 16.49 10.56 -8.00
CA ALA B 59 17.87 10.54 -8.47
C ALA B 59 17.90 10.60 -9.97
N LEU B 60 17.17 9.70 -10.61
CA LEU B 60 17.05 9.69 -12.08
C LEU B 60 16.55 11.03 -12.64
N SER B 61 15.42 11.48 -12.11
CA SER B 61 14.77 12.69 -12.52
C SER B 61 15.71 13.89 -12.48
N ASP B 62 16.51 14.00 -11.42
CA ASP B 62 17.41 15.13 -11.27
C ASP B 62 18.54 15.06 -12.30
N GLY B 63 18.65 13.94 -13.00
CA GLY B 63 19.65 13.82 -14.05
C GLY B 63 20.23 12.43 -14.27
N ALA B 64 19.99 11.51 -13.34
CA ALA B 64 20.68 10.23 -13.40
C ALA B 64 20.31 9.50 -14.67
N TRP B 65 19.08 9.72 -15.14
CA TRP B 65 18.63 9.07 -16.37
C TRP B 65 19.57 9.36 -17.54
N LYS B 66 20.24 10.51 -17.50
CA LYS B 66 21.16 10.86 -18.57
C LYS B 66 22.47 10.07 -18.45
N ASP B 67 22.81 9.57 -17.26
CA ASP B 67 24.11 8.87 -17.05
C ASP B 67 23.99 7.34 -17.08
N PRO B 68 24.65 6.71 -18.07
CA PRO B 68 24.54 5.28 -18.35
C PRO B 68 25.22 4.40 -17.32
N GLU B 69 25.96 5.00 -16.40
CA GLU B 69 26.67 4.18 -15.42
C GLU B 69 25.76 3.82 -14.27
N VAL B 70 24.71 4.61 -14.05
CA VAL B 70 23.86 4.40 -12.89
C VAL B 70 22.42 4.15 -13.29
N ALA B 71 22.03 4.65 -14.44
CA ALA B 71 20.60 4.68 -14.77
C ALA B 71 19.97 3.29 -14.91
N PRO B 72 20.58 2.40 -15.70
CA PRO B 72 19.99 1.06 -15.72
C PRO B 72 19.86 0.43 -14.34
N GLY B 73 20.88 0.65 -13.49
CA GLY B 73 20.94 0.02 -12.19
C GLY B 73 19.88 0.53 -11.26
N PHE B 74 19.82 1.84 -11.12
CA PHE B 74 18.77 2.49 -10.36
C PHE B 74 17.40 2.02 -10.86
N LEU B 75 17.24 1.94 -12.18
CA LEU B 75 15.95 1.58 -12.75
C LEU B 75 15.60 0.19 -12.31
N LYS B 76 16.62 -0.67 -12.20
CA LYS B 76 16.40 -2.05 -11.79
C LYS B 76 15.92 -2.09 -10.34
N VAL B 77 16.54 -1.27 -9.51
CA VAL B 77 16.11 -1.18 -8.12
C VAL B 77 14.64 -0.77 -8.06
N THR B 78 14.26 0.23 -8.87
CA THR B 78 12.89 0.72 -8.87
C THR B 78 11.92 -0.39 -9.25
N GLN B 79 12.27 -1.09 -10.32
CA GLN B 79 11.52 -2.26 -10.76
C GLN B 79 11.26 -3.27 -9.63
N GLU B 80 12.34 -3.65 -8.97
CA GLU B 80 12.27 -4.64 -7.91
C GLU B 80 11.37 -4.12 -6.79
N GLU B 81 11.56 -2.87 -6.39
CA GLU B 81 10.78 -2.36 -5.27
C GLU B 81 9.29 -2.41 -5.63
N THR B 82 8.98 -2.11 -6.89
CA THR B 82 7.59 -2.04 -7.33
C THR B 82 6.93 -3.40 -7.33
N ASP B 83 7.59 -4.37 -7.97
CA ASP B 83 7.08 -5.74 -8.00
C ASP B 83 6.85 -6.25 -6.57
N ARG B 84 7.81 -5.92 -5.70
CA ARG B 84 7.72 -6.27 -4.29
C ARG B 84 6.43 -5.76 -3.66
N MET B 85 6.14 -4.49 -3.91
CA MET B 85 4.94 -3.90 -3.35
C MET B 85 3.65 -4.48 -3.90
N ILE B 86 3.66 -4.79 -5.18
CA ILE B 86 2.52 -5.44 -5.80
C ILE B 86 2.26 -6.78 -5.10
N ARG B 87 3.34 -7.54 -4.84
CA ARG B 87 3.22 -8.81 -4.11
C ARG B 87 2.62 -8.63 -2.71
N MET B 88 3.26 -7.80 -1.90
CA MET B 88 2.74 -7.40 -0.57
C MET B 88 1.25 -7.05 -0.58
N ILE B 89 0.87 -6.20 -1.54
CA ILE B 89 -0.53 -5.85 -1.81
C ILE B 89 -1.40 -7.07 -2.04
N ASN B 90 -0.95 -7.94 -2.95
CA ASN B 90 -1.75 -9.08 -3.39
C ASN B 90 -1.97 -10.07 -2.29
N GLU B 91 -0.93 -10.29 -1.51
CA GLU B 91 -0.97 -11.18 -0.38
C GLU B 91 -1.86 -10.60 0.70
N LEU B 92 -1.68 -9.33 1.00
CA LEU B 92 -2.58 -8.60 1.88
C LEU B 92 -4.03 -8.88 1.48
N LEU B 93 -4.26 -8.81 0.17
CA LEU B 93 -5.59 -8.93 -0.41
C LEU B 93 -6.11 -10.35 -0.27
N SER B 94 -5.23 -11.33 -0.46
CA SER B 94 -5.64 -12.72 -0.40
C SER B 94 -5.91 -13.12 1.03
N LEU B 95 -5.23 -12.45 1.94
CA LEU B 95 -5.46 -12.69 3.36
C LEU B 95 -6.68 -11.90 3.80
N SER B 96 -7.12 -10.96 2.97
CA SER B 96 -8.39 -10.29 3.22
C SER B 96 -9.57 -11.11 2.73
N ARG B 97 -9.43 -11.67 1.54
CA ARG B 97 -10.48 -12.48 0.94
C ARG B 97 -10.48 -13.92 1.46
N MET B 98 -9.32 -14.49 1.80
CA MET B 98 -9.33 -15.86 2.31
C MET B 98 -9.79 -15.94 3.77
N ASP B 99 -9.23 -15.08 4.61
CA ASP B 99 -9.55 -15.09 6.04
C ASP B 99 -10.97 -14.61 6.35
N SER B 100 -11.36 -13.52 5.70
CA SER B 100 -12.62 -12.83 5.99
C SER B 100 -13.96 -13.12 5.25
N GLY B 101 -14.11 -14.14 4.39
CA GLY B 101 -13.23 -15.27 4.15
C GLY B 101 -13.86 -15.96 2.96
N THR B 102 -14.03 -15.16 1.91
CA THR B 102 -14.81 -15.49 0.72
C THR B 102 -13.95 -15.72 -0.54
N THR B 103 -13.21 -16.82 -0.50
CA THR B 103 -12.19 -17.14 -1.48
C THR B 103 -12.54 -18.43 -2.21
N ARG B 104 -12.90 -18.32 -3.47
CA ARG B 104 -13.19 -19.52 -4.25
C ARG B 104 -11.90 -20.30 -4.47
N VAL B 105 -11.81 -21.47 -3.84
CA VAL B 105 -10.61 -22.29 -3.91
C VAL B 105 -10.76 -23.40 -4.95
N ASP B 106 -10.07 -23.23 -6.08
CA ASP B 106 -10.19 -24.13 -7.23
C ASP B 106 -9.48 -25.47 -6.96
N MET B 107 -10.25 -26.49 -6.57
CA MET B 107 -9.70 -27.77 -6.14
C MET B 107 -9.68 -28.86 -7.21
N GLU B 108 -8.49 -29.41 -7.46
CA GLU B 108 -8.33 -30.48 -8.43
C GLU B 108 -7.64 -31.69 -7.77
N LEU B 109 -7.78 -32.87 -8.36
CA LEU B 109 -7.07 -34.05 -7.88
C LEU B 109 -5.71 -34.15 -8.56
N VAL B 110 -4.69 -33.54 -7.98
CA VAL B 110 -3.40 -33.42 -8.64
C VAL B 110 -2.38 -34.45 -8.14
N ASN B 111 -1.43 -34.77 -9.02
CA ASN B 111 -0.30 -35.62 -8.71
C ASN B 111 0.84 -34.78 -8.12
N ILE B 112 1.09 -34.92 -6.81
CA ILE B 112 2.02 -34.01 -6.12
C ILE B 112 3.46 -34.32 -6.45
N ASN B 113 3.71 -35.53 -6.94
CA ASN B 113 5.02 -35.92 -7.42
C ASN B 113 5.42 -34.95 -8.53
N GLU B 114 4.64 -34.99 -9.61
CA GLU B 114 4.82 -34.07 -10.73
C GLU B 114 4.86 -32.61 -10.27
N MET B 115 3.86 -32.22 -9.48
CA MET B 115 3.70 -30.83 -9.01
C MET B 115 4.96 -30.29 -8.35
N PHE B 116 5.41 -31.02 -7.33
CA PHE B 116 6.58 -30.65 -6.57
C PHE B 116 7.80 -30.64 -7.49
N ASN B 117 7.84 -31.56 -8.45
CA ASN B 117 8.94 -31.58 -9.40
C ASN B 117 8.97 -30.36 -10.33
N TYR B 118 7.80 -29.92 -10.77
CA TYR B 118 7.63 -28.71 -11.57
C TYR B 118 8.17 -27.50 -10.81
N VAL B 119 7.62 -27.29 -9.61
CA VAL B 119 8.02 -26.17 -8.76
C VAL B 119 9.54 -26.15 -8.52
N LEU B 120 10.06 -27.30 -8.11
CA LEU B 120 11.49 -27.44 -7.84
C LEU B 120 12.33 -27.26 -9.11
N ASP B 121 11.76 -27.59 -10.26
CA ASP B 121 12.43 -27.34 -11.54
C ASP B 121 12.61 -25.86 -11.74
N ARG B 122 11.51 -25.12 -11.57
CA ARG B 122 11.55 -23.67 -11.69
C ARG B 122 12.58 -23.06 -10.75
N PHE B 123 12.61 -23.54 -9.51
CA PHE B 123 13.59 -23.03 -8.57
C PHE B 123 15.02 -23.38 -8.95
N ASP B 124 15.22 -24.54 -9.54
CA ASP B 124 16.55 -24.94 -10.00
C ASP B 124 16.99 -24.04 -11.15
N MET B 125 16.03 -23.63 -11.97
CA MET B 125 16.31 -22.75 -13.10
C MET B 125 16.70 -21.35 -12.62
N ILE B 126 15.97 -20.82 -11.63
CA ILE B 126 16.33 -19.50 -11.07
C ILE B 126 17.69 -19.58 -10.38
N LEU B 127 17.97 -20.71 -9.72
CA LEU B 127 19.21 -20.83 -8.95
C LEU B 127 20.44 -21.06 -9.83
N LYS B 128 20.27 -21.65 -11.01
CA LYS B 128 21.44 -21.94 -11.84
C LYS B 128 21.91 -20.72 -12.62
N LYS B 129 21.04 -19.70 -12.73
CA LYS B 129 21.40 -18.47 -13.42
C LYS B 129 21.74 -17.37 -12.41
N ASP B 130 22.42 -17.75 -11.33
CA ASP B 130 22.76 -16.83 -10.26
C ASP B 130 24.24 -16.45 -10.29
N ASP B 131 24.57 -15.35 -9.63
CA ASP B 131 25.94 -14.85 -9.58
C ASP B 131 26.65 -15.17 -8.26
N ASN B 132 26.06 -16.05 -7.45
CA ASN B 132 26.65 -16.43 -6.17
C ASN B 132 27.41 -17.76 -6.26
N TYR B 136 25.23 -22.01 -6.36
CA TYR B 136 25.48 -21.80 -4.93
C TYR B 136 24.43 -22.53 -4.08
N TYR B 137 23.38 -23.00 -4.74
CA TYR B 137 22.33 -23.77 -4.07
C TYR B 137 22.01 -25.08 -4.80
N THR B 138 21.77 -26.14 -4.04
CA THR B 138 21.37 -27.42 -4.60
C THR B 138 20.02 -27.90 -4.04
N ILE B 139 19.28 -28.65 -4.86
CA ILE B 139 17.99 -29.17 -4.44
C ILE B 139 18.07 -30.66 -4.23
N LYS B 140 17.96 -31.10 -2.98
CA LYS B 140 18.05 -32.52 -2.71
C LYS B 140 16.66 -33.14 -2.60
N ARG B 141 16.25 -33.79 -3.68
CA ARG B 141 14.91 -34.37 -3.74
C ARG B 141 14.87 -35.78 -3.18
N GLU B 142 13.93 -36.01 -2.26
CA GLU B 142 13.61 -37.36 -1.85
C GLU B 142 12.11 -37.58 -1.98
N PHE B 143 11.69 -38.01 -3.17
CA PHE B 143 10.29 -38.24 -3.45
C PHE B 143 10.03 -39.72 -3.46
N THR B 144 9.06 -40.17 -2.67
CA THR B 144 8.63 -41.57 -2.69
C THR B 144 8.40 -42.06 -4.10
N LYS B 145 8.57 -43.37 -4.29
CA LYS B 145 8.48 -43.94 -5.63
C LYS B 145 7.05 -44.36 -5.98
N ARG B 146 6.11 -44.12 -5.06
CA ARG B 146 4.71 -44.29 -5.42
C ARG B 146 4.09 -42.94 -5.77
N ASP B 147 3.48 -42.87 -6.95
CA ASP B 147 2.79 -41.67 -7.42
C ASP B 147 1.56 -41.37 -6.56
N LEU B 148 1.59 -40.22 -5.91
CA LEU B 148 0.50 -39.82 -5.01
C LEU B 148 -0.42 -38.79 -5.64
N TRP B 149 -1.72 -38.89 -5.33
CA TRP B 149 -2.67 -37.91 -5.79
C TRP B 149 -3.44 -37.34 -4.60
N VAL B 150 -3.57 -36.02 -4.57
CA VAL B 150 -4.24 -35.36 -3.46
C VAL B 150 -5.20 -34.31 -4.01
N GLU B 151 -6.25 -34.02 -3.25
CA GLU B 151 -7.15 -32.92 -3.54
C GLU B 151 -6.54 -31.58 -3.14
N ILE B 152 -6.04 -30.84 -4.10
CA ILE B 152 -5.44 -29.52 -3.84
C ILE B 152 -5.77 -28.49 -4.92
N ASP B 153 -5.72 -27.21 -4.56
CA ASP B 153 -5.71 -26.12 -5.54
C ASP B 153 -4.30 -25.94 -6.10
N THR B 154 -4.09 -26.32 -7.35
CA THR B 154 -2.76 -26.30 -7.99
C THR B 154 -2.02 -24.98 -7.90
N ASP B 155 -2.71 -23.90 -8.23
CA ASP B 155 -2.10 -22.58 -8.23
C ASP B 155 -1.78 -22.14 -6.81
N LYS B 156 -2.74 -22.27 -5.91
CA LYS B 156 -2.57 -21.83 -4.53
C LYS B 156 -1.54 -22.68 -3.75
N PHE B 157 -1.49 -23.97 -4.05
CA PHE B 157 -0.47 -24.86 -3.48
C PHE B 157 0.92 -24.63 -4.07
N THR B 158 0.97 -24.25 -5.35
CA THR B 158 2.25 -23.91 -5.96
C THR B 158 2.75 -22.62 -5.33
N GLN B 159 1.85 -21.69 -5.04
CA GLN B 159 2.26 -20.49 -4.33
C GLN B 159 2.71 -20.83 -2.90
N VAL B 160 2.12 -21.87 -2.31
CA VAL B 160 2.62 -22.37 -1.02
C VAL B 160 4.08 -22.85 -1.10
N LEU B 161 4.29 -23.89 -1.91
CA LEU B 161 5.61 -24.47 -2.07
C LEU B 161 6.63 -23.39 -2.40
N ASP B 162 6.24 -22.46 -3.26
CA ASP B 162 7.12 -21.36 -3.58
C ASP B 162 7.48 -20.60 -2.33
N ASN B 163 6.47 -20.11 -1.62
CA ASN B 163 6.74 -19.26 -0.47
C ASN B 163 7.65 -19.93 0.54
N ILE B 164 7.49 -21.24 0.72
CA ILE B 164 8.31 -21.98 1.69
C ILE B 164 9.76 -22.22 1.22
N MET B 165 9.93 -22.61 -0.04
CA MET B 165 11.26 -22.71 -0.64
C MET B 165 12.00 -21.40 -0.52
N ASN B 166 11.29 -20.33 -0.84
CA ASN B 166 11.82 -18.98 -0.71
C ASN B 166 12.31 -18.69 0.70
N ASN B 167 11.42 -18.80 1.67
CA ASN B 167 11.79 -18.48 3.06
C ASN B 167 12.94 -19.36 3.54
N ALA B 168 13.03 -20.55 2.97
CA ALA B 168 14.15 -21.45 3.26
C ALA B 168 15.47 -20.84 2.75
N ILE B 169 15.55 -20.56 1.45
CA ILE B 169 16.76 -19.97 0.87
C ILE B 169 17.13 -18.66 1.57
N LYS B 170 16.13 -17.95 2.10
CA LYS B 170 16.41 -16.67 2.73
C LYS B 170 16.96 -16.88 4.12
N TYR B 171 16.55 -17.96 4.79
CA TYR B 171 17.16 -18.26 6.08
C TYR B 171 18.34 -19.24 5.99
N SER B 172 18.98 -19.31 4.83
CA SER B 172 20.17 -20.16 4.66
C SER B 172 21.33 -19.36 4.07
N PRO B 173 22.01 -18.55 4.89
CA PRO B 173 23.00 -17.56 4.46
C PRO B 173 24.30 -18.14 3.89
N ASP B 174 24.73 -19.30 4.37
CA ASP B 174 25.98 -19.89 3.91
C ASP B 174 25.76 -20.73 2.66
N GLY B 175 24.50 -20.82 2.24
CA GLY B 175 24.15 -21.64 1.09
C GLY B 175 24.29 -23.13 1.37
N GLY B 176 24.36 -23.91 0.30
CA GLY B 176 24.53 -25.35 0.42
C GLY B 176 23.37 -26.10 -0.21
N VAL B 177 22.77 -26.98 0.58
CA VAL B 177 21.70 -27.83 0.10
C VAL B 177 20.36 -27.46 0.77
N VAL B 178 19.31 -27.35 -0.05
CA VAL B 178 17.94 -27.30 0.46
C VAL B 178 17.28 -28.65 0.17
N THR B 179 16.74 -29.26 1.22
CA THR B 179 16.29 -30.63 1.10
C THR B 179 14.77 -30.72 1.03
N CYS B 180 14.27 -31.38 0.00
CA CYS B 180 12.85 -31.46 -0.24
C CYS B 180 12.35 -32.89 -0.31
N ARG B 181 11.53 -33.26 0.67
CA ARG B 181 11.02 -34.62 0.78
C ARG B 181 9.52 -34.69 0.46
N LEU B 182 9.13 -35.82 -0.10
CA LEU B 182 7.75 -36.12 -0.34
C LEU B 182 7.56 -37.62 -0.14
N LEU B 183 6.76 -38.00 0.88
CA LEU B 183 6.52 -39.41 1.23
C LEU B 183 5.23 -39.53 2.07
N GLU B 184 4.52 -40.68 2.01
CA GLU B 184 3.27 -40.87 2.77
C GLU B 184 3.43 -41.63 4.10
N THR B 185 2.51 -41.35 5.02
CA THR B 185 2.36 -42.01 6.32
C THR B 185 0.97 -41.89 6.90
N HIS B 186 0.26 -43.00 7.15
CA HIS B 186 -1.09 -43.00 7.78
C HIS B 186 -2.24 -42.60 6.88
N ASN B 187 -1.91 -42.31 5.63
CA ASN B 187 -2.72 -41.45 4.76
C ASN B 187 -2.56 -39.98 5.17
N GLN B 188 -1.32 -39.62 5.49
CA GLN B 188 -0.81 -38.26 5.33
C GLN B 188 0.12 -38.28 4.12
N VAL B 189 -0.04 -37.33 3.20
CA VAL B 189 1.07 -37.07 2.31
C VAL B 189 1.93 -35.98 2.94
N ILE B 190 3.19 -36.31 3.15
CA ILE B 190 4.06 -35.42 3.85
C ILE B 190 5.06 -34.82 2.88
N ILE B 191 4.98 -33.50 2.75
CA ILE B 191 6.02 -32.75 2.08
C ILE B 191 6.78 -32.03 3.16
N SER B 192 8.11 -32.08 3.10
CA SER B 192 8.91 -31.33 4.05
C SER B 192 10.01 -30.62 3.32
N ILE B 193 10.28 -29.38 3.73
CA ILE B 193 11.33 -28.59 3.10
C ILE B 193 12.25 -28.02 4.16
N SER B 194 13.55 -28.34 4.03
CA SER B 194 14.57 -28.10 5.07
C SER B 194 15.81 -27.34 4.59
N ASP B 195 16.32 -26.48 5.47
CA ASP B 195 17.54 -25.72 5.20
C ASP B 195 18.51 -25.89 6.38
N GLN B 196 19.80 -26.02 6.08
CA GLN B 196 20.78 -26.14 7.16
C GLN B 196 21.42 -24.77 7.41
N GLY B 197 20.64 -23.71 7.22
CA GLY B 197 21.11 -22.35 7.43
C GLY B 197 20.77 -21.91 8.83
N LEU B 198 20.70 -20.59 9.05
CA LEU B 198 20.38 -20.03 10.37
C LEU B 198 19.26 -20.78 11.07
N GLY B 199 19.43 -21.01 12.37
CA GLY B 199 18.40 -21.71 13.12
C GLY B 199 17.17 -20.84 13.24
N ILE B 200 16.21 -21.27 14.06
CA ILE B 200 15.01 -20.49 14.30
C ILE B 200 14.63 -20.59 15.77
N PRO B 201 14.53 -19.42 16.44
CA PRO B 201 14.37 -19.32 17.90
C PRO B 201 13.28 -20.23 18.43
N ARG B 202 13.62 -21.08 19.38
CA ARG B 202 12.65 -22.02 19.93
C ARG B 202 11.69 -21.29 20.87
N ALA B 203 12.08 -20.08 21.27
CA ALA B 203 11.22 -19.26 22.09
C ALA B 203 10.07 -18.68 21.26
N ASP B 204 10.30 -18.55 19.95
CA ASP B 204 9.34 -17.95 19.04
C ASP B 204 8.90 -18.89 17.91
N LEU B 205 9.12 -20.19 18.07
CA LEU B 205 8.90 -21.13 16.98
C LEU B 205 7.45 -21.21 16.52
N GLY B 206 6.49 -20.86 17.39
CA GLY B 206 5.09 -21.01 17.05
C GLY B 206 4.51 -19.82 16.28
N HIS B 207 5.12 -18.66 16.49
CA HIS B 207 4.57 -17.43 15.94
C HIS B 207 5.12 -17.09 14.56
N VAL B 208 5.80 -18.04 13.90
CA VAL B 208 6.30 -17.79 12.55
C VAL B 208 5.15 -17.64 11.56
N PHE B 209 4.00 -18.18 11.95
CA PHE B 209 2.84 -18.23 11.09
C PHE B 209 1.85 -17.09 11.33
N ASP B 210 2.10 -16.30 12.38
CA ASP B 210 1.35 -15.06 12.58
C ASP B 210 1.85 -13.98 11.61
N ARG B 211 0.96 -13.03 11.31
CA ARG B 211 1.18 -12.08 10.22
C ARG B 211 2.49 -11.31 10.37
N PHE B 212 3.29 -11.34 9.31
CA PHE B 212 4.58 -10.65 9.27
C PHE B 212 5.50 -11.07 10.42
N PHE B 213 5.78 -12.37 10.51
CA PHE B 213 6.90 -12.81 11.34
C PHE B 213 8.07 -13.11 10.41
N ARG B 214 9.26 -12.67 10.79
CA ARG B 214 10.45 -12.87 9.96
C ARG B 214 11.12 -14.21 10.27
N GLY B 225 10.68 -12.37 0.88
CA GLY B 225 10.80 -11.12 0.15
C GLY B 225 9.67 -10.16 0.44
N THR B 226 8.69 -10.63 1.22
CA THR B 226 7.51 -9.82 1.55
C THR B 226 7.17 -9.92 3.03
N GLY B 227 7.24 -11.15 3.54
CA GLY B 227 7.00 -11.43 4.94
C GLY B 227 5.54 -11.76 5.19
N LEU B 228 4.91 -12.37 4.19
CA LEU B 228 3.54 -12.82 4.29
C LEU B 228 3.39 -14.23 3.76
N GLY B 229 4.46 -14.74 3.16
CA GLY B 229 4.46 -16.07 2.57
C GLY B 229 4.04 -17.17 3.52
N LEU B 230 4.43 -17.06 4.78
CA LEU B 230 4.06 -18.04 5.79
C LEU B 230 2.58 -17.93 6.11
N ALA B 231 2.09 -16.70 6.26
CA ALA B 231 0.67 -16.53 6.50
C ALA B 231 -0.13 -17.12 5.34
N ILE B 232 0.38 -16.90 4.13
CA ILE B 232 -0.21 -17.46 2.93
C ILE B 232 -0.31 -18.97 3.06
N SER B 233 0.85 -19.63 3.13
CA SER B 233 0.90 -21.08 3.13
C SER B 233 0.06 -21.69 4.25
N LYS B 234 0.16 -21.13 5.45
CA LYS B 234 -0.63 -21.64 6.56
C LYS B 234 -2.11 -21.59 6.21
N GLU B 235 -2.60 -20.40 5.84
CA GLU B 235 -4.01 -20.25 5.53
C GLU B 235 -4.46 -21.19 4.40
N VAL B 236 -3.66 -21.23 3.33
CA VAL B 236 -3.97 -22.01 2.14
C VAL B 236 -4.07 -23.49 2.44
N VAL B 237 -3.03 -24.00 3.10
CA VAL B 237 -2.95 -25.41 3.47
C VAL B 237 -4.08 -25.79 4.39
N GLN B 238 -4.32 -24.94 5.38
CA GLN B 238 -5.45 -25.11 6.28
C GLN B 238 -6.72 -25.25 5.48
N MET B 239 -6.82 -24.44 4.42
CA MET B 239 -8.00 -24.46 3.56
C MET B 239 -7.99 -25.68 2.65
N LEU B 240 -6.81 -26.07 2.19
CA LEU B 240 -6.71 -27.29 1.40
C LEU B 240 -6.96 -28.50 2.28
N GLY B 241 -7.21 -28.24 3.57
CA GLY B 241 -7.59 -29.27 4.51
C GLY B 241 -6.41 -30.04 5.05
N GLY B 242 -5.22 -29.46 4.95
CA GLY B 242 -4.04 -30.11 5.48
C GLY B 242 -3.57 -29.44 6.77
N ARG B 243 -2.33 -29.70 7.17
CA ARG B 243 -1.75 -29.06 8.34
C ARG B 243 -0.34 -28.60 7.99
N ILE B 244 0.08 -27.49 8.55
CA ILE B 244 1.41 -26.95 8.30
C ILE B 244 2.09 -26.58 9.61
N TRP B 245 3.37 -26.92 9.76
CA TRP B 245 4.07 -26.52 10.98
C TRP B 245 5.57 -26.47 10.79
N VAL B 246 6.32 -26.06 11.82
CA VAL B 246 7.76 -25.93 11.68
C VAL B 246 8.54 -26.58 12.83
N ASP B 247 9.73 -27.08 12.52
CA ASP B 247 10.60 -27.66 13.53
C ASP B 247 11.99 -27.16 13.26
N SER B 248 12.61 -26.56 14.25
CA SER B 248 13.94 -26.00 14.06
C SER B 248 14.77 -26.08 15.32
N VAL B 249 16.07 -26.21 15.14
CA VAL B 249 16.98 -26.15 16.29
C VAL B 249 18.09 -25.18 15.96
N GLU B 250 18.09 -24.06 16.66
CA GLU B 250 19.11 -23.02 16.46
C GLU B 250 20.42 -23.49 17.07
N GLY B 251 21.45 -23.54 16.23
CA GLY B 251 21.33 -23.19 14.83
C GLY B 251 21.65 -24.39 13.94
N LYS B 252 21.15 -25.55 14.35
CA LYS B 252 21.33 -26.77 13.59
C LYS B 252 20.67 -26.58 12.23
N GLY B 253 19.40 -26.17 12.27
CA GLY B 253 18.70 -25.82 11.04
C GLY B 253 17.20 -25.66 11.17
N SER B 254 16.55 -25.49 10.02
CA SER B 254 15.10 -25.29 9.97
C SER B 254 14.41 -26.29 9.02
N THR B 255 13.22 -26.74 9.41
CA THR B 255 12.40 -27.62 8.57
C THR B 255 10.90 -27.38 8.67
N PHE B 256 10.31 -26.94 7.56
CA PHE B 256 8.87 -26.71 7.43
C PHE B 256 8.18 -27.97 6.94
N TYR B 257 7.16 -28.39 7.68
CA TYR B 257 6.32 -29.54 7.33
C TYR B 257 4.93 -29.16 6.79
N ILE B 258 4.53 -29.94 5.80
CA ILE B 258 3.19 -29.94 5.23
C ILE B 258 2.62 -31.36 5.23
N SER B 259 1.37 -31.47 5.66
CA SER B 259 0.67 -32.75 5.68
C SER B 259 -0.67 -32.62 5.01
N LEU B 260 -1.03 -33.59 4.18
CA LEU B 260 -2.30 -33.57 3.48
C LEU B 260 -3.06 -34.87 3.68
N PRO B 261 -4.40 -34.78 3.74
CA PRO B 261 -5.19 -36.00 3.72
C PRO B 261 -4.89 -36.74 2.43
N TYR B 262 -4.47 -38.00 2.55
CA TYR B 262 -4.03 -38.79 1.40
C TYR B 262 -5.19 -39.47 0.67
N GLU B 263 -6.06 -40.12 1.44
CA GLU B 263 -7.29 -40.69 0.87
C GLU B 263 -8.43 -40.62 1.89
#